data_3VZY
#
_entry.id   3VZY
#
_cell.length_a   53.919
_cell.length_b   55.846
_cell.length_c   76.686
_cell.angle_alpha   90.00
_cell.angle_beta   108.82
_cell.angle_gamma   90.00
#
_symmetry.space_group_name_H-M   'P 1 21 1'
#
loop_
_entity.id
_entity.type
_entity.pdbx_description
1 polymer 'Heptaprenylglyceryl phosphate synthase'
2 non-polymer 'MAGNESIUM ION'
3 non-polymer 'CHLORIDE ION'
4 non-polymer SN-GLYCEROL-1-PHOSPHATE
5 water water
#
_entity_poly.entity_id   1
_entity_poly.type   'polypeptide(L)'
_entity_poly.pdbx_seq_one_letter_code
;MYDVTEWKHVFKLDPNKDLPDEQLEILCESGTDAVIIGGSDGVTEDNVLRMMSKVRRFLVPCVLEVSAIEAIVPGFDLYF
IPSVLNSKNADWIVGMHQKAMKEYGELMSMEEIVAEGYCIANPDCKAAALTEADADLNMDDIVAYARVSELLQLPIFYLE
YSGVLGDIEAVKKTKAVLETSTLFYGGGIKDAETAKQYAEHADVIVVGNAVYEDFDRALKTVAAVKGE
;
_entity_poly.pdbx_strand_id   A,B
#
# COMPACT_ATOMS: atom_id res chain seq x y z
N MET A 1 8.19 -2.07 18.37
CA MET A 1 8.16 -0.57 18.04
C MET A 1 7.09 0.15 18.88
N TYR A 2 7.34 1.43 19.14
CA TYR A 2 6.41 2.24 19.94
C TYR A 2 5.07 2.18 19.25
N ASP A 3 4.01 2.15 20.05
CA ASP A 3 2.64 1.94 19.54
C ASP A 3 1.90 3.24 19.25
N VAL A 4 1.78 3.56 17.97
CA VAL A 4 1.12 4.79 17.58
C VAL A 4 -0.35 4.82 17.90
N THR A 5 -0.94 3.65 18.17
CA THR A 5 -2.38 3.66 18.48
C THR A 5 -2.67 4.16 19.88
N GLU A 6 -1.62 4.42 20.66
CA GLU A 6 -1.79 4.95 21.97
C GLU A 6 -1.41 6.44 22.00
N TRP A 7 -0.93 6.98 20.89
CA TRP A 7 -0.56 8.42 20.90
C TRP A 7 -1.76 9.35 20.76
N LYS A 8 -1.58 10.61 21.16
CA LYS A 8 -2.64 11.60 21.04
C LYS A 8 -2.05 12.92 20.50
N HIS A 9 -0.78 13.23 20.84
CA HIS A 9 -0.23 14.52 20.42
C HIS A 9 1.21 14.27 19.96
N VAL A 10 1.59 14.85 18.85
CA VAL A 10 3.02 14.84 18.45
C VAL A 10 3.43 16.21 18.01
N PHE A 11 4.73 16.56 18.19
CA PHE A 11 5.25 17.82 17.63
C PHE A 11 6.07 17.39 16.39
N LYS A 12 5.97 18.16 15.31
CA LYS A 12 6.73 17.82 14.09
C LYS A 12 7.63 19.04 13.86
N LEU A 13 8.94 18.79 13.84
CA LEU A 13 9.95 19.85 13.69
C LEU A 13 10.53 19.91 12.28
N ASP A 14 10.89 21.12 11.86
CA ASP A 14 11.50 21.32 10.55
C ASP A 14 12.99 21.39 10.83
N PRO A 15 13.76 20.39 10.32
CA PRO A 15 15.19 20.40 10.56
C PRO A 15 15.95 21.59 10.00
N ASN A 16 15.28 22.35 9.13
CA ASN A 16 15.91 23.57 8.58
C ASN A 16 15.52 24.83 9.38
N LYS A 17 15.06 24.62 10.61
CA LYS A 17 14.77 25.73 11.53
C LYS A 17 15.41 25.25 12.85
N ASP A 18 15.63 26.18 13.79
CA ASP A 18 16.29 25.90 15.06
C ASP A 18 15.51 26.57 16.20
N LEU A 19 15.16 25.80 17.24
CA LEU A 19 14.50 26.37 18.42
C LEU A 19 15.64 26.94 19.28
N PRO A 20 15.42 28.11 19.92
CA PRO A 20 16.39 28.82 20.77
C PRO A 20 16.54 28.26 22.13
N ASP A 21 17.63 28.68 22.78
CA ASP A 21 17.93 28.29 24.17
C ASP A 21 17.65 26.81 24.44
N GLU A 22 16.85 26.52 25.48
CA GLU A 22 16.52 25.15 25.88
C GLU A 22 15.11 24.74 25.44
N GLN A 23 14.60 25.40 24.42
CA GLN A 23 13.24 25.07 24.00
C GLN A 23 13.11 23.66 23.41
N LEU A 24 14.11 23.20 22.70
CA LEU A 24 13.98 21.85 22.16
C LEU A 24 13.90 20.82 23.34
N GLU A 25 14.73 21.05 24.35
CA GLU A 25 14.70 20.16 25.51
C GLU A 25 13.36 20.22 26.20
N ILE A 26 12.84 21.43 26.40
CA ILE A 26 11.52 21.53 27.03
C ILE A 26 10.47 20.79 26.17
N LEU A 27 10.55 20.94 24.84
CA LEU A 27 9.55 20.29 24.02
C LEU A 27 9.71 18.76 24.13
N CYS A 28 10.94 18.27 24.17
CA CYS A 28 11.08 16.83 24.22
C CYS A 28 10.69 16.24 25.58
N GLU A 29 10.66 17.07 26.60
CA GLU A 29 10.32 16.62 27.94
C GLU A 29 8.86 16.99 28.29
N SER A 30 8.13 17.54 27.32
CA SER A 30 6.79 18.09 27.54
C SER A 30 5.61 17.19 27.81
N GLY A 31 5.72 15.92 27.50
CA GLY A 31 4.49 15.13 27.59
C GLY A 31 3.95 14.77 26.21
N THR A 32 4.48 15.39 25.17
CA THR A 32 4.07 14.99 23.82
C THR A 32 4.39 13.49 23.64
N ASP A 33 3.66 12.80 22.75
CA ASP A 33 3.89 11.37 22.60
C ASP A 33 5.03 10.99 21.62
N ALA A 34 5.44 11.93 20.77
CA ALA A 34 6.56 11.67 19.85
C ALA A 34 7.05 12.99 19.29
N VAL A 35 8.33 13.01 18.85
CA VAL A 35 8.81 14.20 18.18
C VAL A 35 9.20 13.70 16.81
N ILE A 36 8.56 14.26 15.79
CA ILE A 36 8.76 13.87 14.40
C ILE A 36 9.63 14.88 13.70
N ILE A 37 10.68 14.42 13.01
CA ILE A 37 11.53 15.36 12.28
C ILE A 37 10.98 15.29 10.83
N GLY A 38 10.47 16.42 10.34
CA GLY A 38 9.85 16.47 9.03
C GLY A 38 10.68 17.30 8.07
N GLY A 39 10.12 18.42 7.61
CA GLY A 39 10.87 19.22 6.63
C GLY A 39 9.97 19.74 5.53
N SER A 40 10.52 20.56 4.65
CA SER A 40 9.69 21.19 3.65
C SER A 40 10.48 21.54 2.37
N ASP A 41 9.92 21.25 1.19
CA ASP A 41 10.60 21.61 -0.06
C ASP A 41 11.95 20.92 -0.22
N GLY A 42 12.08 19.75 0.42
CA GLY A 42 13.31 19.01 0.38
C GLY A 42 13.90 19.15 1.77
N VAL A 43 14.95 18.40 2.09
CA VAL A 43 15.49 18.56 3.44
C VAL A 43 16.94 18.23 3.22
N THR A 44 17.84 18.42 4.20
CA THR A 44 19.23 18.00 3.96
C THR A 44 19.63 16.93 4.97
N GLU A 45 20.46 15.99 4.53
CA GLU A 45 20.91 14.98 5.41
C GLU A 45 21.67 15.57 6.65
N ASP A 46 22.50 16.56 6.46
CA ASP A 46 23.20 17.12 7.58
C ASP A 46 22.27 17.72 8.63
N ASN A 47 21.24 18.42 8.16
CA ASN A 47 20.29 19.02 9.12
C ASN A 47 19.52 17.92 9.86
N VAL A 48 19.14 16.85 9.13
CA VAL A 48 18.46 15.75 9.81
C VAL A 48 19.41 15.11 10.83
N LEU A 49 20.69 14.92 10.46
CA LEU A 49 21.65 14.34 11.41
C LEU A 49 21.81 15.18 12.69
N ARG A 50 21.94 16.49 12.57
CA ARG A 50 22.05 17.32 13.77
C ARG A 50 20.79 17.17 14.62
N MET A 51 19.60 17.18 13.98
CA MET A 51 18.37 17.01 14.78
C MET A 51 18.34 15.67 15.50
N MET A 52 18.74 14.63 14.79
CA MET A 52 18.73 13.30 15.40
C MET A 52 19.57 13.33 16.66
N SER A 53 20.79 13.87 16.52
CA SER A 53 21.69 13.91 17.66
C SER A 53 21.15 14.63 18.86
N LYS A 54 20.24 15.60 18.64
CA LYS A 54 19.64 16.33 19.75
C LYS A 54 18.41 15.64 20.34
N VAL A 55 17.59 15.02 19.53
CA VAL A 55 16.40 14.44 20.13
C VAL A 55 16.54 13.00 20.59
N ARG A 56 17.58 12.29 20.14
CA ARG A 56 17.65 10.88 20.50
C ARG A 56 17.91 10.62 21.99
N ARG A 57 18.41 11.63 22.70
CA ARG A 57 18.80 11.41 24.07
C ARG A 57 17.63 11.43 25.04
N PHE A 58 16.45 11.79 24.55
CA PHE A 58 15.29 11.84 25.43
C PHE A 58 14.46 10.54 25.35
N LEU A 59 13.64 10.27 26.36
CA LEU A 59 12.84 9.05 26.31
C LEU A 59 11.75 9.13 25.24
N VAL A 60 11.23 10.32 25.00
CA VAL A 60 10.13 10.45 24.03
C VAL A 60 10.54 9.78 22.71
N PRO A 61 9.62 9.07 22.04
CA PRO A 61 9.97 8.45 20.77
C PRO A 61 10.35 9.53 19.76
N CYS A 62 11.45 9.31 19.06
CA CYS A 62 11.85 10.20 17.97
C CYS A 62 11.61 9.49 16.61
N VAL A 63 11.03 10.24 15.68
CA VAL A 63 10.63 9.70 14.42
C VAL A 63 11.18 10.53 13.29
N LEU A 64 11.69 9.85 12.28
CA LEU A 64 12.09 10.57 11.05
C LEU A 64 11.02 10.34 10.00
N GLU A 65 10.40 11.41 9.51
CA GLU A 65 9.46 11.26 8.38
C GLU A 65 10.35 11.45 7.16
N VAL A 66 10.56 10.35 6.44
CA VAL A 66 11.47 10.33 5.29
C VAL A 66 10.85 11.07 4.13
N SER A 67 11.43 12.17 3.70
CA SER A 67 10.84 12.84 2.55
C SER A 67 11.87 12.86 1.42
N ALA A 68 12.98 12.16 1.63
CA ALA A 68 14.00 12.06 0.60
C ALA A 68 14.96 10.92 0.96
N ILE A 69 15.27 10.09 -0.02
CA ILE A 69 16.17 8.98 0.22
C ILE A 69 17.53 9.45 0.68
N GLU A 70 17.96 10.60 0.15
CA GLU A 70 19.28 11.12 0.49
C GLU A 70 19.34 11.58 1.91
N ALA A 71 18.20 11.68 2.57
CA ALA A 71 18.25 12.18 3.94
C ALA A 71 17.81 11.12 4.96
N ILE A 72 18.06 9.86 4.66
CA ILE A 72 17.70 8.85 5.64
C ILE A 72 18.94 8.93 6.52
N VAL A 73 18.73 8.86 7.82
CA VAL A 73 19.82 8.96 8.76
C VAL A 73 19.52 7.95 9.85
N PRO A 74 20.49 7.10 10.21
CA PRO A 74 20.30 6.12 11.28
C PRO A 74 20.15 6.83 12.63
N GLY A 75 19.53 6.18 13.60
CA GLY A 75 19.50 6.79 14.93
C GLY A 75 18.14 7.08 15.50
N PHE A 76 17.12 7.01 14.65
CA PHE A 76 15.77 7.29 15.15
C PHE A 76 15.08 6.07 15.66
N ASP A 77 14.09 6.28 16.53
CA ASP A 77 13.33 5.14 17.03
C ASP A 77 12.42 4.55 15.94
N LEU A 78 11.82 5.40 15.13
CA LEU A 78 10.85 4.96 14.10
C LEU A 78 11.09 5.82 12.86
N TYR A 79 10.77 5.21 11.71
CA TYR A 79 10.85 5.91 10.45
C TYR A 79 9.50 5.86 9.78
N PHE A 80 8.96 7.01 9.42
CA PHE A 80 7.65 7.04 8.72
C PHE A 80 7.96 7.30 7.25
N ILE A 81 7.45 6.44 6.35
CA ILE A 81 7.75 6.63 4.92
C ILE A 81 6.40 6.94 4.32
N PRO A 82 6.25 8.19 3.87
CA PRO A 82 4.93 8.55 3.32
C PRO A 82 4.68 8.02 1.93
N SER A 83 3.42 7.68 1.71
CA SER A 83 2.93 7.35 0.35
C SER A 83 1.86 8.48 0.18
N VAL A 84 2.06 9.35 -0.82
CA VAL A 84 1.14 10.47 -1.04
C VAL A 84 0.04 9.89 -1.94
N LEU A 85 -1.01 9.47 -1.27
CA LEU A 85 -2.06 8.72 -1.95
C LEU A 85 -2.65 9.47 -3.13
N ASN A 86 -2.80 10.80 -2.95
CA ASN A 86 -3.37 11.61 -4.00
C ASN A 86 -2.37 12.24 -4.98
N SER A 87 -1.13 11.74 -4.98
CA SER A 87 -0.14 12.26 -5.91
C SER A 87 -0.40 11.77 -7.34
N LYS A 88 -0.15 12.63 -8.31
CA LYS A 88 -0.30 12.22 -9.71
C LYS A 88 1.01 11.59 -10.22
N ASN A 89 2.01 11.50 -9.35
CA ASN A 89 3.33 10.95 -9.73
C ASN A 89 3.60 9.68 -8.94
N ALA A 90 3.69 8.53 -9.63
CA ALA A 90 3.97 7.30 -8.91
C ALA A 90 5.19 7.35 -8.02
N ASP A 91 6.14 8.23 -8.31
CA ASP A 91 7.33 8.27 -7.47
C ASP A 91 7.05 8.66 -6.03
N TRP A 92 5.96 9.40 -5.79
CA TRP A 92 5.59 9.77 -4.43
C TRP A 92 4.65 8.77 -3.76
N ILE A 93 4.20 7.74 -4.50
CA ILE A 93 3.33 6.73 -3.93
C ILE A 93 4.11 5.50 -3.53
N VAL A 94 4.91 4.96 -4.45
CA VAL A 94 5.77 3.81 -4.16
C VAL A 94 7.22 4.03 -4.60
N GLY A 95 7.50 5.03 -5.44
CA GLY A 95 8.90 5.26 -5.86
C GLY A 95 9.94 5.42 -4.75
N MET A 96 9.59 6.11 -3.66
CA MET A 96 10.49 6.37 -2.52
C MET A 96 10.76 5.07 -1.79
N HIS A 97 9.71 4.32 -1.60
CA HIS A 97 9.88 3.07 -0.95
C HIS A 97 10.77 2.18 -1.81
N GLN A 98 10.54 2.09 -3.13
CA GLN A 98 11.34 1.17 -3.96
C GLN A 98 12.81 1.54 -4.01
N LYS A 99 13.10 2.83 -4.15
CA LYS A 99 14.49 3.29 -4.19
C LYS A 99 15.21 3.04 -2.88
N ALA A 100 14.51 3.29 -1.78
CA ALA A 100 15.07 3.08 -0.47
C ALA A 100 15.32 1.60 -0.31
N MET A 101 14.41 0.76 -0.83
CA MET A 101 14.70 -0.65 -0.64
C MET A 101 15.83 -1.13 -1.52
N LYS A 102 15.95 -0.55 -2.68
CA LYS A 102 16.99 -1.02 -3.59
C LYS A 102 18.37 -0.51 -3.13
N GLU A 103 18.39 0.74 -2.70
CA GLU A 103 19.67 1.35 -2.30
C GLU A 103 20.10 1.08 -0.88
N TYR A 104 19.12 0.91 0.01
CA TYR A 104 19.43 0.74 1.42
C TYR A 104 18.63 -0.38 2.07
N GLY A 105 18.53 -1.49 1.36
CA GLY A 105 17.77 -2.60 1.90
C GLY A 105 18.20 -3.09 3.27
N GLU A 106 19.50 -3.16 3.52
CA GLU A 106 19.92 -3.64 4.80
C GLU A 106 19.63 -2.63 5.89
N LEU A 107 19.73 -1.36 5.58
CA LEU A 107 19.43 -0.35 6.59
C LEU A 107 17.92 -0.39 6.86
N MET A 108 17.13 -0.56 5.82
CA MET A 108 15.67 -0.61 6.05
C MET A 108 15.30 -1.82 6.95
N SER A 109 16.01 -2.95 6.78
CA SER A 109 15.75 -4.13 7.61
C SER A 109 16.09 -3.88 9.05
N MET A 110 17.10 -3.07 9.33
CA MET A 110 17.49 -2.91 10.72
C MET A 110 16.69 -1.87 11.46
N GLU A 111 16.05 -0.97 10.71
CA GLU A 111 15.25 0.09 11.36
C GLU A 111 13.78 -0.28 11.45
N GLU A 112 13.04 0.41 12.32
CA GLU A 112 11.56 0.13 12.44
C GLU A 112 10.90 1.16 11.54
N ILE A 113 10.26 0.64 10.50
CA ILE A 113 9.64 1.46 9.44
C ILE A 113 8.15 1.32 9.45
N VAL A 114 7.46 2.43 9.24
CA VAL A 114 6.01 2.45 9.21
C VAL A 114 5.59 3.19 7.94
N ALA A 115 4.66 2.61 7.18
CA ALA A 115 4.17 3.25 5.98
C ALA A 115 3.07 4.16 6.44
N GLU A 116 3.08 5.34 5.92
CA GLU A 116 2.08 6.29 6.30
C GLU A 116 1.31 6.72 5.02
N GLY A 117 -0.03 6.55 5.00
CA GLY A 117 -0.82 6.99 3.88
C GLY A 117 -1.16 8.49 4.00
N TYR A 118 -0.61 9.30 3.13
CA TYR A 118 -0.81 10.73 3.21
C TYR A 118 -1.86 11.17 2.28
N CYS A 119 -2.63 12.16 2.71
CA CYS A 119 -3.59 12.75 1.81
C CYS A 119 -3.36 14.26 1.98
N ILE A 120 -2.78 14.89 0.96
CA ILE A 120 -2.53 16.35 1.03
C ILE A 120 -3.81 17.02 0.52
N ALA A 121 -4.54 17.65 1.44
CA ALA A 121 -5.84 18.24 1.10
C ALA A 121 -5.85 19.76 0.93
N ASN A 122 -4.67 20.35 0.97
CA ASN A 122 -4.48 21.83 0.78
C ASN A 122 -3.77 21.93 -0.57
N PRO A 123 -4.43 22.48 -1.57
CA PRO A 123 -3.82 22.60 -2.90
C PRO A 123 -2.83 23.70 -3.06
N ASP A 124 -2.87 24.61 -2.11
CA ASP A 124 -2.01 25.77 -2.12
C ASP A 124 -0.88 25.72 -1.08
N CYS A 125 0.06 24.80 -1.29
CA CYS A 125 1.16 24.68 -0.35
C CYS A 125 2.30 23.98 -1.02
N LYS A 126 3.47 24.17 -0.45
CA LYS A 126 4.71 23.56 -0.97
C LYS A 126 4.59 22.05 -1.13
N ALA A 127 3.98 21.40 -0.14
CA ALA A 127 3.91 19.96 -0.22
C ALA A 127 3.09 19.48 -1.39
N ALA A 128 1.97 20.15 -1.66
CA ALA A 128 1.12 19.75 -2.79
C ALA A 128 1.91 19.97 -4.10
N ALA A 129 2.66 21.08 -4.17
CA ALA A 129 3.40 21.36 -5.40
C ALA A 129 4.52 20.32 -5.65
N LEU A 130 5.28 20.05 -4.61
CA LEU A 130 6.39 19.13 -4.66
C LEU A 130 5.99 17.71 -5.03
N THR A 131 4.85 17.26 -4.53
CA THR A 131 4.39 15.91 -4.75
C THR A 131 3.37 15.78 -5.89
N GLU A 132 3.11 16.87 -6.62
CA GLU A 132 2.13 16.91 -7.72
C GLU A 132 0.82 16.33 -7.21
N ALA A 133 0.44 16.75 -6.01
CA ALA A 133 -0.81 16.21 -5.45
C ALA A 133 -2.06 16.81 -6.08
N ASP A 134 -3.07 15.95 -6.26
CA ASP A 134 -4.37 16.37 -6.78
C ASP A 134 -5.02 16.66 -5.42
N ALA A 135 -4.85 17.90 -4.98
CA ALA A 135 -5.23 18.30 -3.64
C ALA A 135 -6.45 19.13 -3.44
N ASP A 136 -7.11 19.49 -4.52
CA ASP A 136 -8.33 20.27 -4.39
C ASP A 136 -9.41 19.21 -4.33
N LEU A 137 -9.66 18.73 -3.10
CA LEU A 137 -10.59 17.61 -2.94
C LEU A 137 -11.93 17.93 -2.27
N ASN A 138 -12.92 17.11 -2.61
CA ASN A 138 -14.23 17.21 -1.97
C ASN A 138 -14.19 16.25 -0.79
N MET A 139 -15.09 16.43 0.17
CA MET A 139 -15.06 15.55 1.31
C MET A 139 -15.22 14.05 0.90
N ASP A 140 -16.02 13.75 -0.10
CA ASP A 140 -16.11 12.33 -0.45
C ASP A 140 -14.79 11.79 -1.05
N ASP A 141 -14.00 12.67 -1.65
CA ASP A 141 -12.73 12.22 -2.21
C ASP A 141 -11.79 11.88 -1.05
N ILE A 142 -11.80 12.74 -0.02
CA ILE A 142 -10.94 12.50 1.11
C ILE A 142 -11.30 11.19 1.81
N VAL A 143 -12.61 10.96 1.97
CA VAL A 143 -13.06 9.76 2.62
C VAL A 143 -12.65 8.55 1.79
N ALA A 144 -12.79 8.66 0.47
CA ALA A 144 -12.42 7.55 -0.40
C ALA A 144 -10.93 7.25 -0.29
N TYR A 145 -10.08 8.29 -0.16
CA TYR A 145 -8.64 8.04 0.02
C TYR A 145 -8.39 7.33 1.35
N ALA A 146 -9.15 7.69 2.38
CA ALA A 146 -8.98 7.05 3.65
C ALA A 146 -9.33 5.55 3.52
N ARG A 147 -10.40 5.27 2.73
CA ARG A 147 -10.76 3.87 2.54
C ARG A 147 -9.64 3.12 1.84
N VAL A 148 -9.01 3.78 0.88
CA VAL A 148 -7.90 3.16 0.14
C VAL A 148 -6.70 2.86 1.07
N SER A 149 -6.40 3.83 1.94
CA SER A 149 -5.27 3.70 2.85
C SER A 149 -5.40 2.39 3.60
N GLU A 150 -6.58 2.12 4.12
CA GLU A 150 -6.76 0.86 4.79
C GLU A 150 -6.70 -0.35 3.85
N LEU A 151 -7.24 -0.20 2.63
CA LEU A 151 -7.16 -1.30 1.65
C LEU A 151 -5.68 -1.67 1.55
N LEU A 152 -4.83 -0.66 1.49
CA LEU A 152 -3.40 -0.89 1.33
C LEU A 152 -2.68 -1.28 2.59
N GLN A 153 -3.45 -1.61 3.64
CA GLN A 153 -2.91 -2.04 4.91
C GLN A 153 -2.10 -0.99 5.72
N LEU A 154 -2.23 0.29 5.39
CA LEU A 154 -1.37 1.29 6.08
C LEU A 154 -1.75 1.58 7.51
N PRO A 155 -0.77 1.56 8.43
CA PRO A 155 -1.15 1.79 9.82
C PRO A 155 -1.52 3.20 10.18
N ILE A 156 -1.07 4.15 9.37
CA ILE A 156 -1.38 5.54 9.63
C ILE A 156 -2.00 6.20 8.38
N PHE A 157 -3.04 7.03 8.57
CA PHE A 157 -3.55 7.82 7.49
C PHE A 157 -3.32 9.25 8.03
N TYR A 158 -2.59 10.04 7.25
CA TYR A 158 -2.27 11.40 7.66
C TYR A 158 -2.97 12.40 6.78
N LEU A 159 -3.87 13.20 7.38
CA LEU A 159 -4.58 14.19 6.62
C LEU A 159 -3.83 15.48 6.82
N GLU A 160 -3.24 15.98 5.73
CA GLU A 160 -2.34 17.14 5.77
C GLU A 160 -2.87 18.41 5.13
N TYR A 161 -2.92 19.46 5.93
CA TYR A 161 -3.29 20.76 5.43
C TYR A 161 -2.17 21.80 5.55
N SER A 162 -1.00 21.36 5.98
CA SER A 162 0.19 22.21 6.08
C SER A 162 0.03 23.48 6.90
N GLY A 163 0.10 24.66 6.28
CA GLY A 163 0.06 25.89 7.07
C GLY A 163 -1.30 26.44 7.41
N VAL A 164 -2.37 25.71 7.08
CA VAL A 164 -3.71 26.19 7.46
C VAL A 164 -4.53 25.10 8.13
N LEU A 165 -5.60 25.51 8.81
CA LEU A 165 -6.52 24.59 9.45
C LEU A 165 -7.43 24.01 8.38
N GLY A 166 -7.56 22.71 8.39
CA GLY A 166 -8.44 22.04 7.43
C GLY A 166 -9.85 21.93 7.98
N ASP A 167 -10.75 21.53 7.11
CA ASP A 167 -12.18 21.38 7.42
C ASP A 167 -12.39 20.36 8.54
N ILE A 168 -12.90 20.79 9.69
CA ILE A 168 -13.12 19.89 10.81
C ILE A 168 -14.07 18.76 10.42
N GLU A 169 -15.00 19.04 9.51
CA GLU A 169 -15.91 17.99 9.06
C GLU A 169 -15.18 16.90 8.28
N ALA A 170 -14.14 17.26 7.54
CA ALA A 170 -13.36 16.23 6.81
C ALA A 170 -12.68 15.33 7.83
N VAL A 171 -12.21 15.90 8.93
CA VAL A 171 -11.55 15.08 9.96
C VAL A 171 -12.55 14.12 10.61
N LYS A 172 -13.75 14.64 10.89
CA LYS A 172 -14.76 13.84 11.49
C LYS A 172 -15.14 12.68 10.56
N LYS A 173 -15.38 12.99 9.29
CA LYS A 173 -15.79 11.96 8.32
C LYS A 173 -14.72 10.89 8.03
N THR A 174 -13.46 11.32 8.05
CA THR A 174 -12.41 10.34 7.81
C THR A 174 -12.26 9.40 9.02
N LYS A 175 -12.34 9.97 10.23
CA LYS A 175 -12.25 9.17 11.43
C LYS A 175 -13.36 8.11 11.38
N ALA A 176 -14.53 8.52 10.90
CA ALA A 176 -15.64 7.55 10.85
C ALA A 176 -15.38 6.32 9.96
N VAL A 177 -14.59 6.44 8.89
CA VAL A 177 -14.41 5.26 8.05
C VAL A 177 -13.17 4.49 8.36
N LEU A 178 -12.28 5.06 9.16
CA LEU A 178 -11.05 4.35 9.48
C LEU A 178 -11.24 3.29 10.54
N GLU A 179 -11.48 2.06 10.06
CA GLU A 179 -11.73 0.93 10.93
C GLU A 179 -10.50 0.33 11.60
N THR A 180 -9.34 0.44 10.97
CA THR A 180 -8.18 -0.17 11.54
C THR A 180 -6.86 0.55 11.49
N SER A 181 -6.86 1.84 11.20
CA SER A 181 -5.59 2.56 11.21
C SER A 181 -5.75 3.81 12.03
N THR A 182 -4.65 4.50 12.22
CA THR A 182 -4.64 5.68 13.09
C THR A 182 -4.63 6.95 12.28
N LEU A 183 -5.57 7.85 12.61
CA LEU A 183 -5.74 9.09 11.91
C LEU A 183 -4.89 10.18 12.56
N PHE A 184 -3.91 10.61 11.80
CA PHE A 184 -3.10 11.77 12.20
C PHE A 184 -3.65 12.98 11.48
N TYR A 185 -3.88 14.09 12.19
CA TYR A 185 -4.27 15.31 11.50
C TYR A 185 -3.17 16.37 11.67
N GLY A 186 -2.75 17.01 10.58
CA GLY A 186 -1.81 18.10 10.72
C GLY A 186 -2.26 19.30 9.88
N GLY A 187 -2.10 20.50 10.40
CA GLY A 187 -2.44 21.68 9.62
C GLY A 187 -2.90 22.83 10.50
N GLY A 188 -2.04 23.84 10.61
CA GLY A 188 -2.40 25.07 11.28
C GLY A 188 -2.68 25.14 12.75
N ILE A 189 -2.37 24.08 13.51
CA ILE A 189 -2.70 24.11 14.93
C ILE A 189 -1.64 24.91 15.68
N LYS A 190 -2.08 25.94 16.41
CA LYS A 190 -1.15 26.79 17.11
C LYS A 190 -1.44 27.07 18.56
N ASP A 191 -2.62 26.65 19.03
CA ASP A 191 -2.97 26.93 20.41
C ASP A 191 -3.89 25.83 20.99
N ALA A 192 -4.05 25.86 22.29
CA ALA A 192 -4.82 24.88 23.00
C ALA A 192 -6.25 24.68 22.55
N GLU A 193 -6.94 25.77 22.31
CA GLU A 193 -8.36 25.63 21.93
C GLU A 193 -8.50 24.88 20.60
N THR A 194 -7.63 25.20 19.64
CA THR A 194 -7.71 24.55 18.37
C THR A 194 -7.23 23.07 18.45
N ALA A 195 -6.24 22.86 19.29
CA ALA A 195 -5.72 21.50 19.45
C ALA A 195 -6.84 20.64 20.02
N LYS A 196 -7.56 21.17 21.00
CA LYS A 196 -8.62 20.35 21.61
C LYS A 196 -9.71 20.07 20.62
N GLN A 197 -10.06 21.09 19.82
CA GLN A 197 -11.10 20.95 18.82
C GLN A 197 -10.82 19.82 17.84
N TYR A 198 -9.62 19.83 17.26
CA TYR A 198 -9.33 18.80 16.31
C TYR A 198 -9.09 17.41 16.98
N ALA A 199 -8.63 17.38 18.23
CA ALA A 199 -8.36 16.14 18.95
C ALA A 199 -9.70 15.44 19.24
N GLU A 200 -10.81 16.13 19.04
CA GLU A 200 -12.08 15.45 19.24
C GLU A 200 -12.34 14.43 18.15
N HIS A 201 -11.72 14.57 16.98
CA HIS A 201 -11.97 13.66 15.87
C HIS A 201 -10.71 12.94 15.49
N ALA A 202 -9.59 13.65 15.43
CA ALA A 202 -8.35 12.93 15.05
C ALA A 202 -7.85 11.99 16.15
N ASP A 203 -7.16 10.90 15.79
CA ASP A 203 -6.56 10.06 16.82
C ASP A 203 -5.33 10.77 17.38
N VAL A 204 -4.53 11.35 16.48
CA VAL A 204 -3.34 12.09 16.85
C VAL A 204 -3.33 13.46 16.21
N ILE A 205 -3.10 14.55 16.99
CA ILE A 205 -2.93 15.86 16.36
C ILE A 205 -1.45 16.19 16.29
N VAL A 206 -1.06 16.78 15.18
CA VAL A 206 0.34 17.14 14.93
C VAL A 206 0.45 18.66 15.03
N VAL A 207 1.34 19.14 15.88
CA VAL A 207 1.58 20.57 16.02
C VAL A 207 2.96 20.81 15.42
N GLY A 208 3.01 21.70 14.43
CA GLY A 208 4.23 21.94 13.72
C GLY A 208 4.89 23.27 13.91
N ASN A 209 4.90 24.09 12.88
CA ASN A 209 5.68 25.31 12.96
C ASN A 209 5.27 26.37 13.99
N ALA A 210 4.13 26.16 14.60
CA ALA A 210 3.69 27.04 15.68
C ALA A 210 4.79 27.03 16.74
N VAL A 211 5.58 25.93 16.88
CA VAL A 211 6.63 25.96 17.90
C VAL A 211 7.69 27.05 17.67
N TYR A 212 7.90 27.45 16.41
CA TYR A 212 8.89 28.47 16.11
C TYR A 212 8.28 29.85 16.22
N GLU A 213 7.00 29.96 15.86
CA GLU A 213 6.31 31.26 15.89
C GLU A 213 5.98 31.70 17.31
N ASP A 214 5.43 30.80 18.14
CA ASP A 214 5.09 31.20 19.52
C ASP A 214 5.13 29.94 20.34
N PHE A 215 6.33 29.69 20.87
CA PHE A 215 6.61 28.45 21.60
C PHE A 215 5.72 28.24 22.81
N ASP A 216 5.55 29.28 23.63
CA ASP A 216 4.75 29.10 24.84
C ASP A 216 3.30 28.74 24.55
N ARG A 217 2.75 29.34 23.51
CA ARG A 217 1.40 29.03 23.13
C ARG A 217 1.29 27.58 22.58
N ALA A 218 2.26 27.22 21.74
CA ALA A 218 2.27 25.88 21.17
C ALA A 218 2.47 24.80 22.25
N LEU A 219 3.26 25.11 23.26
CA LEU A 219 3.54 24.10 24.27
C LEU A 219 2.29 23.72 25.05
N LYS A 220 1.37 24.63 25.13
CA LYS A 220 0.13 24.36 25.83
C LYS A 220 -0.78 23.39 25.13
N THR A 221 -0.48 23.09 23.87
CA THR A 221 -1.32 22.15 23.14
C THR A 221 -1.22 20.72 23.72
N VAL A 222 -0.12 20.39 24.41
CA VAL A 222 0.00 19.02 24.95
C VAL A 222 -1.04 18.80 26.04
N ALA A 223 -1.02 19.67 27.05
CA ALA A 223 -2.02 19.54 28.13
C ALA A 223 -3.45 19.67 27.63
N ALA A 224 -3.64 20.46 26.58
CA ALA A 224 -4.94 20.67 25.99
C ALA A 224 -5.53 19.38 25.51
N VAL A 225 -4.69 18.52 24.91
CA VAL A 225 -5.13 17.28 24.31
C VAL A 225 -5.09 16.12 25.26
N LYS A 226 -4.06 16.10 26.10
CA LYS A 226 -3.85 15.02 27.06
C LYS A 226 -4.33 15.43 28.48
N MET B 1 -13.46 -16.99 5.74
CA MET B 1 -13.01 -18.38 6.05
C MET B 1 -11.82 -18.81 5.15
N TYR B 2 -11.27 -17.86 4.40
CA TYR B 2 -10.18 -18.19 3.48
C TYR B 2 -8.84 -17.79 3.99
N ASP B 3 -7.82 -18.52 3.54
CA ASP B 3 -6.45 -18.24 4.00
C ASP B 3 -5.49 -18.54 2.85
N VAL B 4 -5.02 -17.49 2.16
CA VAL B 4 -4.12 -17.74 1.03
C VAL B 4 -2.75 -18.29 1.46
N THR B 5 -2.42 -18.25 2.76
CA THR B 5 -1.11 -18.79 3.18
C THR B 5 -1.15 -20.34 3.17
N GLU B 6 -2.33 -20.92 2.95
CA GLU B 6 -2.47 -22.37 2.84
C GLU B 6 -2.55 -22.85 1.36
N TRP B 7 -2.66 -21.89 0.44
CA TRP B 7 -2.77 -22.26 -0.97
C TRP B 7 -1.43 -22.65 -1.61
N LYS B 8 -1.52 -23.44 -2.67
CA LYS B 8 -0.33 -23.81 -3.44
C LYS B 8 -0.53 -23.64 -4.95
N HIS B 9 -1.78 -23.72 -5.40
CA HIS B 9 -2.06 -23.64 -6.84
C HIS B 9 -3.38 -22.90 -7.11
N VAL B 10 -3.40 -22.06 -8.10
CA VAL B 10 -4.66 -21.45 -8.52
C VAL B 10 -4.73 -21.41 -10.02
N PHE B 11 -5.96 -21.53 -10.55
CA PHE B 11 -6.13 -21.36 -11.99
C PHE B 11 -6.68 -19.94 -12.18
N LYS B 12 -6.21 -19.24 -13.19
CA LYS B 12 -6.72 -17.88 -13.42
C LYS B 12 -7.35 -17.94 -14.80
N LEU B 13 -8.62 -17.63 -14.86
CA LEU B 13 -9.41 -17.73 -16.11
C LEU B 13 -9.73 -16.35 -16.67
N ASP B 14 -9.72 -16.24 -17.97
CA ASP B 14 -9.94 -14.94 -18.63
C ASP B 14 -11.36 -14.93 -19.13
N PRO B 15 -12.21 -14.08 -18.51
CA PRO B 15 -13.57 -14.06 -18.98
C PRO B 15 -13.69 -13.52 -20.39
N ASN B 16 -12.63 -12.86 -20.88
CA ASN B 16 -12.61 -12.34 -22.25
C ASN B 16 -12.53 -13.52 -23.24
N LYS B 17 -12.15 -14.72 -22.76
CA LYS B 17 -12.06 -15.90 -23.61
C LYS B 17 -13.16 -16.86 -23.28
N ASP B 18 -13.34 -17.86 -24.13
CA ASP B 18 -14.35 -18.85 -23.88
C ASP B 18 -13.74 -20.23 -23.60
N LEU B 19 -14.32 -20.90 -22.61
CA LEU B 19 -13.88 -22.24 -22.23
C LEU B 19 -15.12 -23.10 -22.20
N PRO B 20 -15.06 -24.32 -22.73
CA PRO B 20 -16.27 -25.16 -22.68
C PRO B 20 -16.74 -25.35 -21.24
N ASP B 21 -18.05 -25.40 -21.03
CA ASP B 21 -18.54 -25.55 -19.66
C ASP B 21 -17.99 -26.77 -18.92
N GLU B 22 -17.89 -27.89 -19.63
CA GLU B 22 -17.33 -29.11 -19.06
C GLU B 22 -15.92 -28.89 -18.53
N GLN B 23 -15.12 -28.16 -19.31
CA GLN B 23 -13.73 -27.87 -18.86
C GLN B 23 -13.72 -26.95 -17.65
N LEU B 24 -14.64 -25.97 -17.63
CA LEU B 24 -14.68 -25.09 -16.49
C LEU B 24 -15.02 -25.92 -15.22
N GLU B 25 -15.97 -26.83 -15.33
CA GLU B 25 -16.37 -27.67 -14.19
C GLU B 25 -15.20 -28.56 -13.73
N ILE B 26 -14.49 -29.13 -14.68
CA ILE B 26 -13.35 -29.96 -14.33
C ILE B 26 -12.28 -29.11 -13.59
N LEU B 27 -12.00 -27.91 -14.07
CA LEU B 27 -11.02 -27.06 -13.36
C LEU B 27 -11.52 -26.75 -11.94
N CYS B 28 -12.84 -26.51 -11.75
CA CYS B 28 -13.31 -26.19 -10.43
C CYS B 28 -13.21 -27.36 -9.48
N GLU B 29 -13.29 -28.58 -10.05
CA GLU B 29 -13.21 -29.84 -9.29
C GLU B 29 -11.83 -30.48 -9.31
N SER B 30 -10.86 -29.72 -9.82
CA SER B 30 -9.50 -30.23 -10.00
C SER B 30 -8.62 -30.42 -8.77
N GLY B 31 -8.97 -29.78 -7.69
CA GLY B 31 -8.11 -29.80 -6.50
C GLY B 31 -7.34 -28.49 -6.43
N THR B 32 -7.53 -27.61 -7.41
CA THR B 32 -6.86 -26.29 -7.30
C THR B 32 -7.34 -25.63 -6.02
N ASP B 33 -6.53 -24.72 -5.49
CA ASP B 33 -6.94 -24.02 -4.28
C ASP B 33 -7.90 -22.85 -4.49
N ALA B 34 -7.99 -22.32 -5.70
CA ALA B 34 -8.92 -21.25 -5.99
C ALA B 34 -9.04 -21.10 -7.49
N VAL B 35 -10.21 -20.61 -7.93
CA VAL B 35 -10.35 -20.27 -9.33
C VAL B 35 -10.52 -18.74 -9.32
N ILE B 36 -9.60 -18.07 -10.00
CA ILE B 36 -9.58 -16.62 -10.06
C ILE B 36 -10.07 -16.16 -11.40
N ILE B 37 -11.08 -15.28 -11.42
CA ILE B 37 -11.57 -14.71 -12.69
C ILE B 37 -10.86 -13.42 -12.94
N GLY B 38 -10.24 -13.31 -14.11
CA GLY B 38 -9.47 -12.11 -14.38
C GLY B 38 -10.32 -10.97 -14.89
N GLY B 39 -10.82 -10.12 -13.99
CA GLY B 39 -11.69 -9.00 -14.33
C GLY B 39 -10.99 -7.72 -14.75
N SER B 40 -10.36 -7.80 -15.93
CA SER B 40 -9.59 -6.68 -16.48
C SER B 40 -10.28 -5.76 -17.52
N ASP B 41 -9.47 -4.93 -18.14
CA ASP B 41 -9.98 -3.99 -19.13
C ASP B 41 -10.01 -4.76 -20.49
N GLY B 42 -11.16 -4.67 -21.10
CA GLY B 42 -11.40 -5.39 -22.31
C GLY B 42 -12.47 -6.30 -21.73
N VAL B 43 -12.41 -6.50 -20.42
CA VAL B 43 -13.34 -7.37 -19.72
C VAL B 43 -14.71 -6.72 -19.56
N THR B 44 -15.77 -7.50 -19.69
CA THR B 44 -17.12 -6.96 -19.52
C THR B 44 -17.80 -7.57 -18.35
N GLU B 45 -18.64 -6.77 -17.69
CA GLU B 45 -19.37 -7.26 -16.54
C GLU B 45 -20.23 -8.47 -16.91
N ASP B 46 -20.86 -8.45 -18.08
CA ASP B 46 -21.69 -9.57 -18.47
C ASP B 46 -20.91 -10.92 -18.50
N ASN B 47 -19.67 -10.88 -19.01
CA ASN B 47 -18.92 -12.10 -19.03
C ASN B 47 -18.50 -12.52 -17.59
N VAL B 48 -18.15 -11.55 -16.75
CA VAL B 48 -17.79 -11.85 -15.37
C VAL B 48 -19.00 -12.47 -14.63
N LEU B 49 -20.18 -11.93 -14.90
CA LEU B 49 -21.42 -12.42 -14.27
C LEU B 49 -21.71 -13.86 -14.67
N ARG B 50 -21.58 -14.17 -15.97
CA ARG B 50 -21.80 -15.55 -16.41
C ARG B 50 -20.82 -16.48 -15.75
N MET B 51 -19.57 -16.08 -15.69
CA MET B 51 -18.58 -16.93 -15.05
C MET B 51 -18.87 -17.12 -13.60
N MET B 52 -19.24 -16.05 -12.91
CA MET B 52 -19.58 -16.17 -11.49
C MET B 52 -20.67 -17.24 -11.31
N SER B 53 -21.71 -17.18 -12.14
CA SER B 53 -22.84 -18.10 -11.97
C SER B 53 -22.51 -19.54 -12.21
N LYS B 54 -21.50 -19.78 -13.00
CA LYS B 54 -21.09 -21.11 -13.33
C LYS B 54 -20.18 -21.70 -12.28
N VAL B 55 -19.36 -20.89 -11.63
CA VAL B 55 -18.41 -21.44 -10.68
C VAL B 55 -18.91 -21.42 -9.24
N ARG B 56 -19.89 -20.57 -8.98
CA ARG B 56 -20.33 -20.43 -7.59
C ARG B 56 -20.85 -21.71 -6.95
N ARG B 57 -21.37 -22.66 -7.72
CA ARG B 57 -21.89 -23.90 -7.13
C ARG B 57 -20.82 -24.76 -6.51
N PHE B 58 -19.57 -24.56 -6.91
CA PHE B 58 -18.52 -25.44 -6.39
C PHE B 58 -17.97 -25.06 -5.07
N LEU B 59 -17.36 -26.02 -4.38
CA LEU B 59 -16.80 -25.75 -3.09
C LEU B 59 -15.54 -24.88 -3.13
N VAL B 60 -14.79 -25.05 -4.20
CA VAL B 60 -13.56 -24.26 -4.32
C VAL B 60 -13.79 -22.73 -4.24
N PRO B 61 -12.87 -22.01 -3.58
CA PRO B 61 -13.03 -20.56 -3.48
C PRO B 61 -13.04 -19.93 -4.87
N CYS B 62 -14.00 -19.05 -5.17
CA CYS B 62 -14.02 -18.33 -6.44
C CYS B 62 -13.62 -16.89 -6.14
N VAL B 63 -12.70 -16.37 -6.91
CA VAL B 63 -12.15 -15.04 -6.66
C VAL B 63 -12.30 -14.17 -7.86
N LEU B 64 -12.67 -12.88 -7.65
CA LEU B 64 -12.65 -11.99 -8.78
C LEU B 64 -11.46 -11.06 -8.63
N GLU B 65 -10.60 -11.02 -9.64
CA GLU B 65 -9.47 -10.07 -9.59
C GLU B 65 -9.99 -8.82 -10.32
N VAL B 66 -10.12 -7.74 -9.56
CA VAL B 66 -10.69 -6.50 -10.06
C VAL B 66 -9.69 -5.57 -10.70
N SER B 67 -9.67 -5.61 -12.03
CA SER B 67 -8.78 -4.81 -12.88
C SER B 67 -9.55 -3.72 -13.64
N ALA B 68 -10.86 -3.64 -13.41
CA ALA B 68 -11.69 -2.63 -14.02
C ALA B 68 -12.94 -2.51 -13.17
N ILE B 69 -13.18 -1.30 -12.70
CA ILE B 69 -14.31 -0.95 -11.84
C ILE B 69 -15.67 -1.37 -12.50
N GLU B 70 -15.76 -1.15 -13.81
CA GLU B 70 -17.01 -1.43 -14.53
C GLU B 70 -17.37 -2.89 -14.53
N ALA B 71 -16.39 -3.76 -14.27
CA ALA B 71 -16.65 -5.22 -14.33
C ALA B 71 -16.82 -5.90 -13.00
N ILE B 72 -16.99 -5.13 -11.95
CA ILE B 72 -17.18 -5.78 -10.67
C ILE B 72 -18.58 -6.38 -10.61
N VAL B 73 -18.68 -7.55 -9.99
CA VAL B 73 -19.92 -8.30 -9.90
C VAL B 73 -19.96 -8.91 -8.53
N PRO B 74 -21.10 -8.82 -7.82
CA PRO B 74 -21.22 -9.43 -6.50
C PRO B 74 -21.36 -10.96 -6.64
N GLY B 75 -21.08 -11.63 -5.52
CA GLY B 75 -21.25 -13.07 -5.47
C GLY B 75 -19.99 -13.91 -5.35
N PHE B 76 -18.84 -13.31 -5.54
CA PHE B 76 -17.62 -14.10 -5.42
C PHE B 76 -17.24 -14.25 -3.96
N ASP B 77 -16.51 -15.31 -3.67
CA ASP B 77 -16.02 -15.51 -2.30
C ASP B 77 -15.00 -14.47 -1.87
N LEU B 78 -14.09 -14.12 -2.76
CA LEU B 78 -13.04 -13.14 -2.45
C LEU B 78 -12.83 -12.21 -3.62
N TYR B 79 -12.36 -10.99 -3.34
CA TYR B 79 -12.09 -10.03 -4.38
C TYR B 79 -10.64 -9.65 -4.20
N PHE B 80 -9.84 -9.86 -5.23
CA PHE B 80 -8.43 -9.43 -5.16
C PHE B 80 -8.33 -8.12 -5.85
N ILE B 81 -7.66 -7.14 -5.20
CA ILE B 81 -7.56 -5.80 -5.76
C ILE B 81 -6.09 -5.50 -6.01
N PRO B 82 -5.70 -5.46 -7.27
CA PRO B 82 -4.27 -5.20 -7.52
C PRO B 82 -3.79 -3.78 -7.52
N SER B 83 -2.57 -3.59 -7.00
CA SER B 83 -1.87 -2.30 -7.12
C SER B 83 -0.62 -2.68 -7.90
N VAL B 84 -0.42 -2.07 -9.06
CA VAL B 84 0.74 -2.42 -9.90
C VAL B 84 1.88 -1.53 -9.41
N LEU B 85 2.70 -2.14 -8.58
CA LEU B 85 3.76 -1.38 -7.89
C LEU B 85 4.75 -0.72 -8.84
N ASN B 86 5.00 -1.32 -9.99
CA ASN B 86 5.91 -0.76 -10.94
C ASN B 86 5.25 0.02 -12.06
N SER B 87 3.98 0.41 -11.90
CA SER B 87 3.33 1.22 -12.91
C SER B 87 3.83 2.65 -12.87
N LYS B 88 3.89 3.29 -14.03
CA LYS B 88 4.32 4.69 -14.00
C LYS B 88 3.06 5.54 -13.93
N ASN B 89 1.90 4.91 -13.78
CA ASN B 89 0.68 5.68 -13.79
C ASN B 89 0.04 5.51 -12.42
N ALA B 90 -0.05 6.60 -11.64
CA ALA B 90 -0.66 6.49 -10.33
C ALA B 90 -2.04 5.82 -10.38
N ASP B 91 -2.76 5.92 -11.51
CA ASP B 91 -4.10 5.30 -11.54
C ASP B 91 -4.11 3.82 -11.26
N TRP B 92 -3.04 3.16 -11.66
CA TRP B 92 -2.90 1.71 -11.45
C TRP B 92 -2.32 1.29 -10.09
N ILE B 93 -2.02 2.29 -9.26
CA ILE B 93 -1.51 2.03 -7.95
C ILE B 93 -2.54 2.35 -6.90
N VAL B 94 -3.11 3.54 -7.01
CA VAL B 94 -4.11 4.12 -6.09
C VAL B 94 -5.39 4.62 -6.76
N GLY B 95 -5.19 5.39 -7.83
CA GLY B 95 -6.26 6.06 -8.55
C GLY B 95 -7.56 5.34 -8.77
N MET B 96 -7.47 4.19 -9.42
CA MET B 96 -8.67 3.43 -9.71
C MET B 96 -9.32 2.91 -8.44
N HIS B 97 -8.52 2.66 -7.40
CA HIS B 97 -9.08 2.15 -6.18
C HIS B 97 -9.84 3.25 -5.50
N GLN B 98 -9.31 4.48 -5.58
CA GLN B 98 -10.02 5.59 -4.93
C GLN B 98 -11.36 5.80 -5.66
N LYS B 99 -11.35 5.69 -7.00
CA LYS B 99 -12.61 5.84 -7.74
C LYS B 99 -13.59 4.77 -7.29
N ALA B 100 -13.14 3.53 -7.13
CA ALA B 100 -14.04 2.49 -6.67
C ALA B 100 -14.60 2.70 -5.26
N MET B 101 -13.77 3.19 -4.34
CA MET B 101 -14.28 3.41 -3.00
C MET B 101 -15.27 4.53 -3.00
N LYS B 102 -15.05 5.50 -3.90
CA LYS B 102 -15.95 6.63 -3.99
C LYS B 102 -17.29 6.22 -4.59
N GLU B 103 -17.26 5.34 -5.58
CA GLU B 103 -18.53 4.99 -6.25
C GLU B 103 -19.25 3.78 -5.71
N TYR B 104 -18.49 2.81 -5.18
CA TYR B 104 -19.09 1.56 -4.70
C TYR B 104 -18.62 1.25 -3.28
N GLY B 105 -18.61 2.31 -2.47
CA GLY B 105 -18.14 2.15 -1.11
C GLY B 105 -18.89 1.11 -0.30
N GLU B 106 -20.22 1.05 -0.43
CA GLU B 106 -21.00 0.11 0.36
C GLU B 106 -20.70 -1.33 -0.13
N LEU B 107 -20.63 -1.50 -1.45
CA LEU B 107 -20.35 -2.80 -2.03
C LEU B 107 -18.97 -3.29 -1.53
N MET B 108 -17.97 -2.39 -1.60
CA MET B 108 -16.62 -2.79 -1.16
C MET B 108 -16.64 -3.17 0.32
N SER B 109 -17.48 -2.53 1.11
CA SER B 109 -17.57 -2.92 2.55
C SER B 109 -18.14 -4.30 2.81
N MET B 110 -19.08 -4.69 1.98
CA MET B 110 -19.73 -5.99 2.19
C MET B 110 -18.85 -7.17 1.72
N GLU B 111 -17.84 -6.89 0.89
CA GLU B 111 -16.99 -7.97 0.37
C GLU B 111 -15.70 -8.28 1.11
N GLU B 112 -15.18 -9.48 0.89
CA GLU B 112 -13.93 -9.85 1.52
C GLU B 112 -12.87 -9.52 0.46
N ILE B 113 -12.06 -8.53 0.78
CA ILE B 113 -11.09 -8.03 -0.15
C ILE B 113 -9.67 -8.33 0.28
N VAL B 114 -8.86 -8.70 -0.71
CA VAL B 114 -7.46 -8.98 -0.43
C VAL B 114 -6.64 -8.10 -1.38
N ALA B 115 -5.74 -7.27 -0.84
CA ALA B 115 -4.91 -6.42 -1.72
C ALA B 115 -3.72 -7.21 -2.24
N GLU B 116 -3.39 -6.98 -3.49
CA GLU B 116 -2.25 -7.66 -4.11
C GLU B 116 -1.24 -6.65 -4.59
N GLY B 117 0.03 -6.85 -4.29
CA GLY B 117 1.03 -5.97 -4.83
C GLY B 117 1.60 -6.71 -6.05
N TYR B 118 1.39 -6.14 -7.22
CA TYR B 118 1.82 -6.72 -8.50
C TYR B 118 3.11 -6.13 -8.94
N CYS B 119 3.96 -6.96 -9.49
CA CYS B 119 5.19 -6.50 -10.09
C CYS B 119 5.15 -7.15 -11.51
N ILE B 120 4.88 -6.36 -12.55
CA ILE B 120 4.78 -6.96 -13.93
C ILE B 120 6.17 -6.97 -14.50
N ALA B 121 6.72 -8.16 -14.70
CA ALA B 121 8.11 -8.24 -15.15
C ALA B 121 8.31 -8.72 -16.56
N ASN B 122 7.24 -8.81 -17.32
CA ASN B 122 7.33 -9.21 -18.75
C ASN B 122 6.92 -7.96 -19.53
N PRO B 123 7.89 -7.27 -20.13
CA PRO B 123 7.62 -6.04 -20.90
C PRO B 123 6.81 -6.16 -22.18
N ASP B 124 6.56 -7.38 -22.65
CA ASP B 124 5.83 -7.57 -23.87
C ASP B 124 4.38 -8.00 -23.79
N CYS B 125 3.83 -8.05 -22.58
CA CYS B 125 2.45 -8.49 -22.45
C CYS B 125 1.48 -7.34 -22.41
N LYS B 126 0.22 -7.70 -22.60
CA LYS B 126 -0.88 -6.78 -22.64
C LYS B 126 -0.96 -6.07 -21.32
N ALA B 127 -0.75 -6.79 -20.23
CA ALA B 127 -0.87 -6.13 -18.93
C ALA B 127 0.16 -5.01 -18.70
N ALA B 128 1.38 -5.20 -19.17
CA ALA B 128 2.40 -4.18 -19.00
C ALA B 128 2.06 -2.96 -19.87
N ALA B 129 1.42 -3.21 -21.01
CA ALA B 129 1.07 -2.15 -21.92
C ALA B 129 -0.07 -1.31 -21.31
N LEU B 130 -1.05 -1.99 -20.76
CA LEU B 130 -2.20 -1.36 -20.14
C LEU B 130 -1.85 -0.50 -18.92
N THR B 131 -0.98 -1.02 -18.08
CA THR B 131 -0.63 -0.35 -16.83
C THR B 131 0.59 0.58 -16.89
N GLU B 132 1.20 0.72 -18.06
CA GLU B 132 2.38 1.54 -18.20
C GLU B 132 3.45 1.06 -17.22
N ALA B 133 3.61 -0.25 -17.14
CA ALA B 133 4.60 -0.79 -16.23
C ALA B 133 6.04 -0.64 -16.71
N ASP B 134 6.97 -0.41 -15.77
CA ASP B 134 8.40 -0.35 -16.11
C ASP B 134 8.70 -1.82 -15.86
N ALA B 135 8.42 -2.63 -16.89
CA ALA B 135 8.49 -4.08 -16.84
C ALA B 135 9.79 -4.76 -17.14
N ASP B 136 10.73 -4.02 -17.73
CA ASP B 136 12.04 -4.57 -18.04
C ASP B 136 12.90 -4.24 -16.83
N LEU B 137 12.91 -5.18 -15.88
CA LEU B 137 13.60 -5.02 -14.60
C LEU B 137 14.73 -5.98 -14.34
N ASN B 138 15.68 -5.54 -13.52
CA ASN B 138 16.78 -6.39 -13.11
C ASN B 138 16.31 -7.04 -11.82
N MET B 139 16.98 -8.11 -11.44
CA MET B 139 16.58 -8.82 -10.26
C MET B 139 16.54 -7.96 -9.02
N ASP B 140 17.52 -7.08 -8.87
CA ASP B 140 17.50 -6.31 -7.66
C ASP B 140 16.29 -5.38 -7.63
N ASP B 141 15.78 -4.95 -8.79
CA ASP B 141 14.61 -4.07 -8.85
C ASP B 141 13.42 -4.89 -8.37
N ILE B 142 13.35 -6.14 -8.85
CA ILE B 142 12.24 -7.01 -8.43
C ILE B 142 12.19 -7.22 -6.93
N VAL B 143 13.35 -7.54 -6.34
CA VAL B 143 13.43 -7.78 -4.94
C VAL B 143 13.04 -6.53 -4.14
N ALA B 144 13.39 -5.35 -4.66
CA ALA B 144 13.05 -4.09 -3.97
C ALA B 144 11.52 -3.89 -4.03
N TYR B 145 10.88 -4.25 -5.14
CA TYR B 145 9.42 -4.10 -5.17
C TYR B 145 8.78 -5.08 -4.17
N ALA B 146 9.32 -6.29 -4.03
CA ALA B 146 8.78 -7.23 -3.07
C ALA B 146 8.93 -6.63 -1.68
N ARG B 147 10.08 -6.01 -1.38
CA ARG B 147 10.27 -5.41 -0.05
C ARG B 147 9.24 -4.31 0.20
N VAL B 148 8.87 -3.57 -0.84
CA VAL B 148 7.88 -2.48 -0.75
C VAL B 148 6.56 -3.13 -0.43
N SER B 149 6.23 -4.20 -1.14
CA SER B 149 4.97 -4.89 -0.82
C SER B 149 4.95 -5.42 0.64
N GLU B 150 6.06 -6.01 1.09
CA GLU B 150 6.23 -6.62 2.43
C GLU B 150 6.12 -5.52 3.47
N LEU B 151 6.52 -4.31 3.09
CA LEU B 151 6.44 -3.16 3.97
C LEU B 151 5.04 -2.66 4.09
N LEU B 152 4.32 -2.58 2.96
CA LEU B 152 2.93 -2.10 3.01
C LEU B 152 2.06 -3.20 3.61
N GLN B 153 2.66 -4.36 3.84
CA GLN B 153 1.98 -5.51 4.39
C GLN B 153 0.81 -5.97 3.53
N LEU B 154 0.96 -5.81 2.21
CA LEU B 154 -0.09 -6.34 1.33
C LEU B 154 0.02 -7.84 1.52
N PRO B 155 -1.11 -8.54 1.63
CA PRO B 155 -1.12 -10.00 1.85
C PRO B 155 -0.47 -10.82 0.76
N ILE B 156 -0.59 -10.33 -0.47
CA ILE B 156 -0.04 -11.05 -1.60
C ILE B 156 0.97 -10.21 -2.38
N PHE B 157 2.08 -10.82 -2.81
CA PHE B 157 2.98 -10.14 -3.71
C PHE B 157 2.90 -11.07 -4.98
N TYR B 158 2.53 -10.50 -6.12
CA TYR B 158 2.33 -11.25 -7.35
C TYR B 158 3.36 -10.89 -8.40
N LEU B 159 4.24 -11.86 -8.64
CA LEU B 159 5.29 -11.68 -9.62
C LEU B 159 4.68 -12.16 -10.92
N GLU B 160 4.45 -11.22 -11.83
CA GLU B 160 3.75 -11.47 -13.06
C GLU B 160 4.53 -11.45 -14.31
N TYR B 161 4.68 -12.61 -14.96
CA TYR B 161 5.39 -12.65 -16.26
C TYR B 161 4.45 -13.09 -17.39
N SER B 162 3.15 -13.16 -17.11
CA SER B 162 2.11 -13.55 -18.08
C SER B 162 2.57 -14.69 -18.98
N GLY B 163 2.62 -14.45 -20.28
CA GLY B 163 2.98 -15.49 -21.22
C GLY B 163 4.42 -15.95 -21.38
N VAL B 164 5.29 -15.71 -20.40
CA VAL B 164 6.68 -16.17 -20.50
C VAL B 164 7.10 -16.71 -19.15
N LEU B 165 8.04 -17.63 -19.15
CA LEU B 165 8.56 -18.18 -17.93
C LEU B 165 9.55 -17.13 -17.45
N GLY B 166 9.43 -16.74 -16.19
CA GLY B 166 10.33 -15.73 -15.64
C GLY B 166 11.59 -16.33 -15.06
N ASP B 167 12.59 -15.47 -14.89
CA ASP B 167 13.85 -15.89 -14.30
C ASP B 167 13.59 -16.59 -12.95
N ILE B 168 13.86 -17.89 -12.86
CA ILE B 168 13.63 -18.64 -11.61
C ILE B 168 14.45 -18.06 -10.43
N GLU B 169 15.59 -17.46 -10.70
CA GLU B 169 16.39 -16.90 -9.62
C GLU B 169 15.67 -15.68 -9.05
N ALA B 170 14.88 -14.98 -9.87
CA ALA B 170 14.16 -13.81 -9.39
C ALA B 170 13.10 -14.33 -8.40
N VAL B 171 12.44 -15.43 -8.75
CA VAL B 171 11.43 -16.02 -7.87
C VAL B 171 12.05 -16.44 -6.54
N LYS B 172 13.21 -17.11 -6.64
CA LYS B 172 13.88 -17.51 -5.42
C LYS B 172 14.30 -16.33 -4.56
N LYS B 173 14.84 -15.29 -5.14
CA LYS B 173 15.32 -14.17 -4.32
C LYS B 173 14.17 -13.37 -3.72
N THR B 174 13.05 -13.35 -4.44
CA THR B 174 11.87 -12.64 -3.97
C THR B 174 11.33 -13.38 -2.77
N LYS B 175 11.20 -14.69 -2.87
CA LYS B 175 10.70 -15.47 -1.79
C LYS B 175 11.59 -15.25 -0.56
N ALA B 176 12.89 -15.09 -0.80
CA ALA B 176 13.86 -14.87 0.28
C ALA B 176 13.54 -13.66 1.15
N VAL B 177 13.05 -12.58 0.53
CA VAL B 177 12.74 -11.37 1.29
C VAL B 177 11.33 -11.34 1.84
N LEU B 178 10.42 -12.12 1.30
CA LEU B 178 9.05 -12.09 1.81
C LEU B 178 8.87 -12.89 3.10
N GLU B 179 8.47 -12.21 4.16
CA GLU B 179 8.27 -12.92 5.41
C GLU B 179 6.78 -13.14 5.69
N THR B 180 6.01 -12.05 5.66
CA THR B 180 4.60 -12.14 5.94
C THR B 180 3.72 -12.19 4.67
N SER B 181 4.27 -11.82 3.54
CA SER B 181 3.48 -11.82 2.31
C SER B 181 3.52 -13.22 1.67
N THR B 182 2.47 -13.54 0.90
CA THR B 182 2.38 -14.81 0.20
C THR B 182 2.80 -14.50 -1.25
N LEU B 183 3.78 -15.23 -1.75
CA LEU B 183 4.29 -15.01 -3.07
C LEU B 183 3.55 -15.78 -4.15
N PHE B 184 2.82 -15.06 -4.99
CA PHE B 184 2.14 -15.67 -6.13
C PHE B 184 3.05 -15.49 -7.35
N TYR B 185 3.27 -16.57 -8.11
CA TYR B 185 4.05 -16.43 -9.33
C TYR B 185 3.17 -16.83 -10.53
N GLY B 186 3.17 -16.04 -11.60
CA GLY B 186 2.44 -16.44 -12.80
C GLY B 186 3.32 -16.18 -14.01
N GLY B 187 3.31 -17.08 -14.98
CA GLY B 187 4.09 -16.78 -16.20
C GLY B 187 4.54 -18.04 -16.93
N GLY B 188 3.89 -18.38 -18.04
CA GLY B 188 4.35 -19.55 -18.83
C GLY B 188 4.25 -20.94 -18.27
N ILE B 189 3.57 -21.14 -17.16
CA ILE B 189 3.45 -22.49 -16.64
C ILE B 189 2.41 -23.26 -17.49
N LYS B 190 2.86 -24.32 -18.15
CA LYS B 190 1.96 -24.99 -19.06
C LYS B 190 1.91 -26.50 -18.86
N ASP B 191 2.69 -27.01 -17.94
CA ASP B 191 2.70 -28.44 -17.71
C ASP B 191 3.24 -28.78 -16.35
N ALA B 192 3.21 -30.07 -16.01
CA ALA B 192 3.64 -30.46 -14.66
C ALA B 192 5.11 -30.16 -14.30
N GLU B 193 5.97 -30.32 -15.27
CA GLU B 193 7.39 -30.07 -15.07
C GLU B 193 7.68 -28.63 -14.63
N THR B 194 7.20 -27.67 -15.43
CA THR B 194 7.42 -26.25 -15.14
C THR B 194 6.63 -25.88 -13.86
N ALA B 195 5.42 -26.39 -13.67
CA ALA B 195 4.67 -26.09 -12.43
C ALA B 195 5.51 -26.50 -11.21
N LYS B 196 6.10 -27.70 -11.26
CA LYS B 196 6.88 -28.11 -10.09
C LYS B 196 8.15 -27.28 -9.86
N GLN B 197 8.76 -26.83 -10.96
CA GLN B 197 9.99 -26.06 -10.87
C GLN B 197 9.74 -24.74 -10.13
N TYR B 198 8.69 -24.03 -10.56
CA TYR B 198 8.39 -22.77 -9.90
C TYR B 198 7.72 -22.92 -8.54
N ALA B 199 7.01 -24.00 -8.28
CA ALA B 199 6.36 -24.18 -6.98
C ALA B 199 7.42 -24.46 -5.92
N GLU B 200 8.66 -24.69 -6.35
CA GLU B 200 9.71 -24.94 -5.37
C GLU B 200 10.09 -23.63 -4.72
N HIS B 201 9.83 -22.49 -5.38
CA HIS B 201 10.18 -21.16 -4.88
C HIS B 201 8.95 -20.32 -4.52
N ALA B 202 7.99 -20.23 -5.44
CA ALA B 202 6.76 -19.51 -5.17
C ALA B 202 5.90 -20.18 -4.09
N ASP B 203 5.08 -19.40 -3.37
CA ASP B 203 4.18 -19.98 -2.39
C ASP B 203 2.96 -20.54 -3.16
N VAL B 204 2.50 -19.76 -4.14
CA VAL B 204 1.37 -20.16 -4.98
C VAL B 204 1.76 -20.00 -6.46
N ILE B 205 1.53 -21.03 -7.31
CA ILE B 205 1.74 -20.85 -8.73
C ILE B 205 0.36 -20.60 -9.39
N VAL B 206 0.36 -19.72 -10.39
CA VAL B 206 -0.87 -19.39 -11.09
C VAL B 206 -0.78 -19.94 -12.51
N VAL B 207 -1.79 -20.68 -12.94
CA VAL B 207 -1.81 -21.24 -14.30
C VAL B 207 -3.00 -20.61 -15.00
N GLY B 208 -2.74 -19.98 -16.15
CA GLY B 208 -3.81 -19.27 -16.86
C GLY B 208 -3.91 -19.65 -18.35
N ASN B 209 -3.04 -19.07 -19.17
CA ASN B 209 -3.08 -19.30 -20.62
C ASN B 209 -3.11 -20.74 -21.05
N ALA B 210 -2.35 -21.56 -20.33
CA ALA B 210 -2.26 -22.96 -20.71
C ALA B 210 -3.59 -23.68 -20.77
N VAL B 211 -4.53 -23.20 -19.93
CA VAL B 211 -5.86 -23.81 -19.87
C VAL B 211 -6.54 -23.77 -21.19
N TYR B 212 -6.26 -22.71 -21.94
CA TYR B 212 -6.87 -22.53 -23.25
C TYR B 212 -6.03 -23.09 -24.39
N GLU B 213 -4.75 -23.36 -24.13
CA GLU B 213 -3.86 -23.89 -25.18
C GLU B 213 -3.85 -25.41 -25.19
N ASP B 214 -3.68 -26.03 -24.01
CA ASP B 214 -3.66 -27.50 -23.91
C ASP B 214 -4.21 -27.83 -22.56
N PHE B 215 -5.52 -28.01 -22.52
CA PHE B 215 -6.27 -28.28 -21.30
C PHE B 215 -5.74 -29.42 -20.48
N ASP B 216 -5.52 -30.58 -21.11
CA ASP B 216 -5.10 -31.71 -20.31
C ASP B 216 -3.77 -31.49 -19.68
N ARG B 217 -2.86 -30.84 -20.40
CA ARG B 217 -1.55 -30.60 -19.84
C ARG B 217 -1.64 -29.60 -18.71
N ALA B 218 -2.46 -28.57 -18.93
CA ALA B 218 -2.57 -27.55 -17.86
C ALA B 218 -3.26 -28.20 -16.63
N LEU B 219 -4.20 -29.12 -16.84
CA LEU B 219 -4.86 -29.69 -15.70
C LEU B 219 -3.88 -30.40 -14.75
N LYS B 220 -2.85 -31.01 -15.34
CA LYS B 220 -1.85 -31.74 -14.55
C LYS B 220 -1.01 -30.86 -13.64
N THR B 221 -1.07 -29.54 -13.83
CA THR B 221 -0.29 -28.68 -12.96
C THR B 221 -0.72 -28.77 -11.48
N VAL B 222 -1.97 -29.11 -11.20
CA VAL B 222 -2.46 -29.20 -9.82
C VAL B 222 -1.80 -30.43 -9.13
N ALA B 223 -1.94 -31.59 -9.76
CA ALA B 223 -1.36 -32.79 -9.15
C ALA B 223 0.17 -32.63 -8.99
N ALA B 224 0.77 -31.92 -9.92
CA ALA B 224 2.18 -31.69 -9.89
C ALA B 224 2.62 -31.11 -8.57
N VAL B 225 1.89 -30.12 -8.05
CA VAL B 225 2.29 -29.52 -6.81
C VAL B 225 1.56 -29.94 -5.54
N LYS B 226 0.32 -30.43 -5.68
CA LYS B 226 -0.53 -30.87 -4.54
C LYS B 226 -0.67 -32.38 -4.29
N GLY B 227 -0.26 -33.19 -5.27
CA GLY B 227 -0.40 -34.65 -5.23
C GLY B 227 0.65 -35.47 -4.46
N GLU B 228 0.50 -36.79 -4.50
CA GLU B 228 1.46 -37.65 -3.78
C GLU B 228 2.92 -37.43 -4.25
#